data_7OEX
#
_entry.id   7OEX
#
_cell.length_a   36.956
_cell.length_b   130.127
_cell.length_c   38.993
_cell.angle_alpha   90.000
_cell.angle_beta   115.240
_cell.angle_gamma   90.000
#
_symmetry.space_group_name_H-M   'P 1 21 1'
#
loop_
_entity.id
_entity.type
_entity.pdbx_description
1 polymer 'Serine hydrolase RBBP9'
2 non-polymer PHENYLALANINE
3 water water
#
_entity_poly.entity_id   1
_entity_poly.type   'polypeptide(L)'
_entity_poly.pdbx_seq_one_letter_code
;MASPSKAVIVPGNGGGDVTTHGWYGWVKKELEKIPGFQCLAKNMPDPITARESIWLPFMETELHCDEKTIIIGHSSGAIA
AMRYAETHRVYAIVLVSAYTSDLGDENERASGYFTRPWQWEKIKANCPYIVQFGSTDDPFLPWKEQQEVADRLETKLHKF
TDCGHFQNTEFHELITVVKSLLKVPALEHHHHHH
;
_entity_poly.pdbx_strand_id   A,B
#
# COMPACT_ATOMS: atom_id res chain seq x y z
N ALA A 2 2.90 -25.90 8.44
CA ALA A 2 1.66 -25.11 8.25
C ALA A 2 0.80 -25.72 7.15
N SER A 3 -0.51 -25.69 7.33
CA SER A 3 -1.45 -26.14 6.31
C SER A 3 -2.06 -24.92 5.62
N PRO A 4 -2.33 -24.99 4.30
CA PRO A 4 -2.72 -23.82 3.52
C PRO A 4 -4.17 -23.38 3.79
N SER A 5 -4.37 -22.08 3.98
CA SER A 5 -5.68 -21.54 4.29
C SER A 5 -6.26 -20.64 3.20
N LYS A 6 -5.39 -20.09 2.34
CA LYS A 6 -5.88 -19.21 1.27
C LYS A 6 -4.88 -19.16 0.15
N ALA A 7 -5.35 -18.67 -1.00
CA ALA A 7 -4.52 -18.21 -2.07
C ALA A 7 -4.63 -16.69 -2.16
N VAL A 8 -3.58 -16.08 -2.68
CA VAL A 8 -3.52 -14.67 -2.99
C VAL A 8 -3.02 -14.55 -4.41
N ILE A 9 -3.75 -13.80 -5.25
CA ILE A 9 -3.31 -13.57 -6.60
C ILE A 9 -2.63 -12.21 -6.61
N VAL A 10 -1.36 -12.18 -7.04
CA VAL A 10 -0.67 -10.93 -7.27
C VAL A 10 -0.54 -10.78 -8.79
N PRO A 11 -1.26 -9.82 -9.40
CA PRO A 11 -1.36 -9.77 -10.85
C PRO A 11 -0.13 -9.19 -11.53
N GLY A 12 -0.16 -9.13 -12.87
CA GLY A 12 0.84 -8.37 -13.59
C GLY A 12 0.66 -6.89 -13.41
N ASN A 13 1.62 -6.11 -13.91
CA ASN A 13 1.54 -4.69 -13.82
C ASN A 13 0.51 -4.21 -14.86
N GLY A 14 0.16 -2.93 -14.78
CA GLY A 14 -0.90 -2.36 -15.62
C GLY A 14 -2.18 -2.06 -14.84
N GLY A 15 -3.08 -1.31 -15.48
CA GLY A 15 -4.25 -0.74 -14.82
C GLY A 15 -5.53 -1.54 -14.90
N GLY A 16 -5.48 -2.74 -15.50
CA GLY A 16 -6.65 -3.60 -15.59
C GLY A 16 -7.20 -3.90 -14.22
N ASP A 17 -8.53 -3.80 -14.06
CA ASP A 17 -9.18 -4.12 -12.79
C ASP A 17 -8.93 -5.59 -12.61
N VAL A 18 -8.41 -5.98 -11.43
CA VAL A 18 -7.98 -7.35 -11.21
C VAL A 18 -9.14 -8.33 -11.38
N THR A 19 -10.35 -7.93 -10.94
CA THR A 19 -11.50 -8.83 -10.85
C THR A 19 -12.07 -9.21 -12.21
N THR A 20 -11.76 -8.43 -13.25
CA THR A 20 -12.35 -8.59 -14.57
C THR A 20 -11.36 -8.65 -15.76
N HIS A 21 -10.06 -8.64 -15.49
CA HIS A 21 -9.04 -8.60 -16.53
C HIS A 21 -8.22 -9.91 -16.54
N GLY A 22 -7.92 -10.50 -17.71
CA GLY A 22 -7.19 -11.76 -17.74
C GLY A 22 -7.95 -12.88 -17.01
N TRP A 23 -7.20 -13.78 -16.38
CA TRP A 23 -7.81 -14.95 -15.72
C TRP A 23 -8.05 -14.78 -14.24
N TYR A 24 -7.70 -13.62 -13.68
CA TYR A 24 -7.64 -13.47 -12.19
C TYR A 24 -9.03 -13.73 -11.59
N GLY A 25 -10.06 -13.11 -12.16
CA GLY A 25 -11.42 -13.24 -11.62
C GLY A 25 -12.00 -14.65 -11.72
N TRP A 26 -11.75 -15.31 -12.84
CA TRP A 26 -12.22 -16.67 -13.06
C TRP A 26 -11.54 -17.61 -12.06
N VAL A 27 -10.23 -17.45 -11.90
CA VAL A 27 -9.48 -18.28 -10.97
C VAL A 27 -9.97 -18.05 -9.52
N LYS A 28 -10.15 -16.79 -9.13
CA LYS A 28 -10.68 -16.46 -7.82
C LYS A 28 -12.00 -17.20 -7.58
N LYS A 29 -12.93 -17.08 -8.53
CA LYS A 29 -14.24 -17.71 -8.42
C LYS A 29 -14.14 -19.22 -8.32
N GLU A 30 -13.29 -19.83 -9.14
CA GLU A 30 -13.11 -21.28 -9.09
C GLU A 30 -12.54 -21.71 -7.73
N LEU A 31 -11.55 -20.96 -7.22
CA LEU A 31 -10.93 -21.34 -5.94
C LEU A 31 -11.92 -21.17 -4.78
N GLU A 32 -12.81 -20.20 -4.89
CA GLU A 32 -13.82 -19.94 -3.86
C GLU A 32 -14.95 -20.99 -3.86
N LYS A 33 -14.98 -21.86 -4.87
CA LYS A 33 -15.83 -23.04 -4.87
C LYS A 33 -15.37 -24.14 -3.95
N ILE A 34 -14.12 -24.08 -3.50
CA ILE A 34 -13.51 -25.10 -2.67
C ILE A 34 -13.99 -24.81 -1.25
N PRO A 35 -14.69 -25.77 -0.61
CA PRO A 35 -15.19 -25.51 0.74
C PRO A 35 -14.08 -25.12 1.71
N GLY A 36 -14.32 -24.00 2.42
CA GLY A 36 -13.42 -23.52 3.44
C GLY A 36 -12.25 -22.71 2.95
N PHE A 37 -12.10 -22.58 1.62
CA PHE A 37 -10.94 -21.93 1.04
C PHE A 37 -11.22 -20.47 0.65
N GLN A 38 -10.19 -19.62 0.71
CA GLN A 38 -10.34 -18.24 0.32
C GLN A 38 -9.34 -17.93 -0.78
N CYS A 39 -9.65 -16.93 -1.60
CA CYS A 39 -8.73 -16.41 -2.60
C CYS A 39 -8.85 -14.90 -2.66
N LEU A 40 -7.79 -14.21 -2.25
CA LEU A 40 -7.73 -12.76 -2.24
C LEU A 40 -7.13 -12.27 -3.52
N ALA A 41 -7.73 -11.23 -4.10
CA ALA A 41 -7.23 -10.61 -5.30
C ALA A 41 -7.72 -9.19 -5.21
N LYS A 42 -6.77 -8.26 -5.12
CA LYS A 42 -7.05 -6.83 -4.98
C LYS A 42 -6.27 -6.05 -6.03
N ASN A 43 -6.86 -4.95 -6.47
CA ASN A 43 -6.10 -4.01 -7.26
C ASN A 43 -4.91 -3.50 -6.42
N MET A 44 -3.75 -3.48 -7.04
CA MET A 44 -2.49 -3.19 -6.37
C MET A 44 -2.26 -1.69 -6.35
N PRO A 45 -1.68 -1.16 -5.26
CA PRO A 45 -1.16 0.22 -5.32
C PRO A 45 -0.03 0.32 -6.35
N ASP A 46 0.19 1.50 -6.94
CA ASP A 46 1.20 1.67 -8.00
C ASP A 46 1.09 0.57 -9.04
N PRO A 47 -0.10 0.40 -9.64
CA PRO A 47 -0.35 -0.73 -10.52
C PRO A 47 0.47 -0.74 -11.82
N ILE A 48 0.88 0.45 -12.28
CA ILE A 48 1.57 0.57 -13.55
C ILE A 48 3.03 0.11 -13.48
N THR A 49 3.75 0.59 -12.45
CA THR A 49 5.18 0.32 -12.29
C THR A 49 5.47 -0.77 -11.26
N ALA A 50 4.48 -1.08 -10.41
CA ALA A 50 4.59 -2.21 -9.49
C ALA A 50 5.82 -2.14 -8.60
N ARG A 51 6.13 -0.96 -8.07
CA ARG A 51 7.41 -0.83 -7.31
C ARG A 51 7.48 -1.85 -6.15
N GLU A 52 8.64 -2.49 -6.02
CA GLU A 52 8.91 -3.43 -4.94
C GLU A 52 8.58 -2.84 -3.56
N SER A 53 8.98 -1.58 -3.38
CA SER A 53 8.79 -0.89 -2.11
C SER A 53 7.31 -0.63 -1.74
N ILE A 54 6.42 -0.78 -2.72
CA ILE A 54 4.98 -0.62 -2.57
C ILE A 54 4.25 -1.97 -2.54
N TRP A 55 4.60 -2.86 -3.49
CA TRP A 55 3.90 -4.14 -3.57
C TRP A 55 4.19 -5.09 -2.41
N LEU A 56 5.44 -5.14 -1.95
CA LEU A 56 5.78 -6.11 -0.92
C LEU A 56 5.13 -5.75 0.41
N PRO A 57 5.14 -4.47 0.87
CA PRO A 57 4.38 -4.15 2.08
C PRO A 57 2.87 -4.42 1.93
N PHE A 58 2.32 -4.17 0.74
CA PHE A 58 0.92 -4.40 0.49
C PHE A 58 0.61 -5.91 0.60
N MET A 59 1.51 -6.74 0.06
CA MET A 59 1.35 -8.18 0.15
C MET A 59 1.34 -8.66 1.60
N GLU A 60 2.19 -8.04 2.43
CA GLU A 60 2.28 -8.38 3.83
C GLU A 60 1.05 -7.95 4.62
N THR A 61 0.64 -6.69 4.47
CA THR A 61 -0.36 -6.17 5.41
C THR A 61 -1.77 -6.21 4.91
N GLU A 62 -1.95 -6.06 3.59
CA GLU A 62 -3.27 -5.97 2.98
C GLU A 62 -3.72 -7.28 2.33
N LEU A 63 -2.75 -8.09 1.87
CA LEU A 63 -3.05 -9.42 1.35
C LEU A 63 -2.68 -10.52 2.34
N HIS A 64 -2.09 -10.15 3.49
CA HIS A 64 -1.84 -11.08 4.57
C HIS A 64 -1.07 -12.36 4.14
N CYS A 65 -0.04 -12.18 3.32
CA CYS A 65 0.73 -13.29 2.82
C CYS A 65 1.62 -13.84 3.90
N ASP A 66 1.33 -15.09 4.30
CA ASP A 66 2.00 -15.70 5.41
C ASP A 66 2.30 -17.18 5.15
N GLU A 67 2.73 -17.90 6.19
CA GLU A 67 3.15 -19.27 6.03
C GLU A 67 1.99 -20.25 5.70
N LYS A 68 0.76 -19.77 5.71
CA LYS A 68 -0.39 -20.56 5.30
C LYS A 68 -0.96 -20.09 3.95
N THR A 69 -0.21 -19.26 3.22
CA THR A 69 -0.67 -18.70 1.95
C THR A 69 -0.01 -19.35 0.75
N ILE A 70 -0.83 -19.64 -0.27
CA ILE A 70 -0.35 -19.94 -1.63
C ILE A 70 -0.41 -18.64 -2.40
N ILE A 71 0.76 -18.11 -2.79
CA ILE A 71 0.84 -16.90 -3.57
C ILE A 71 0.90 -17.32 -5.03
N ILE A 72 -0.04 -16.79 -5.82
CA ILE A 72 -0.09 -17.00 -7.25
C ILE A 72 0.33 -15.65 -7.86
N GLY A 73 1.52 -15.59 -8.47
CA GLY A 73 2.06 -14.37 -9.04
C GLY A 73 2.18 -14.48 -10.53
N HIS A 74 1.65 -13.46 -11.22
CA HIS A 74 1.68 -13.37 -12.67
C HIS A 74 2.61 -12.23 -13.11
N SER A 75 3.66 -12.57 -13.85
CA SER A 75 4.58 -11.60 -14.43
C SER A 75 5.20 -10.70 -13.35
N SER A 76 4.92 -9.38 -13.31
CA SER A 76 5.38 -8.55 -12.19
C SER A 76 5.03 -9.18 -10.83
N GLY A 77 3.86 -9.82 -10.74
CA GLY A 77 3.44 -10.47 -9.51
C GLY A 77 4.27 -11.71 -9.17
N ALA A 78 4.75 -12.41 -10.21
CA ALA A 78 5.66 -13.53 -10.02
C ALA A 78 6.99 -13.00 -9.44
N ILE A 79 7.49 -11.92 -10.03
CA ILE A 79 8.70 -11.23 -9.55
C ILE A 79 8.53 -10.83 -8.07
N ALA A 80 7.40 -10.17 -7.77
CA ALA A 80 7.13 -9.74 -6.40
C ALA A 80 7.08 -10.92 -5.43
N ALA A 81 6.41 -12.01 -5.84
CA ALA A 81 6.34 -13.22 -5.05
C ALA A 81 7.73 -13.76 -4.71
N MET A 82 8.62 -13.77 -5.70
CA MET A 82 9.95 -14.28 -5.50
C MET A 82 10.73 -13.41 -4.53
N ARG A 83 10.69 -12.08 -4.71
CA ARG A 83 11.38 -11.17 -3.74
C ARG A 83 10.75 -11.29 -2.35
N TYR A 84 9.43 -11.43 -2.27
CA TYR A 84 8.72 -11.54 -0.99
C TYR A 84 9.27 -12.77 -0.23
N ALA A 85 9.46 -13.86 -0.94
CA ALA A 85 9.92 -15.11 -0.35
C ALA A 85 11.39 -15.08 0.08
N GLU A 86 12.15 -14.06 -0.31
CA GLU A 86 13.50 -13.92 0.20
C GLU A 86 13.48 -13.64 1.71
N THR A 87 12.43 -12.96 2.19
CA THR A 87 12.32 -12.56 3.60
C THR A 87 11.10 -13.01 4.38
N HIS A 88 10.20 -13.79 3.76
CA HIS A 88 9.01 -14.27 4.41
C HIS A 88 8.83 -15.74 4.07
N ARG A 89 8.42 -16.53 5.07
CA ARG A 89 7.93 -17.90 4.86
C ARG A 89 6.53 -17.85 4.24
N VAL A 90 6.31 -18.67 3.23
CA VAL A 90 5.01 -18.83 2.61
C VAL A 90 4.83 -20.30 2.34
N TYR A 91 3.57 -20.74 2.22
CA TYR A 91 3.25 -22.16 2.03
C TYR A 91 3.70 -22.62 0.64
N ALA A 92 3.32 -21.87 -0.40
CA ALA A 92 3.73 -22.18 -1.74
C ALA A 92 3.68 -20.94 -2.59
N ILE A 93 4.43 -20.96 -3.69
CA ILE A 93 4.35 -19.93 -4.70
C ILE A 93 4.11 -20.63 -6.04
N VAL A 94 3.14 -20.10 -6.80
CA VAL A 94 2.88 -20.54 -8.15
C VAL A 94 3.20 -19.35 -9.02
N LEU A 95 4.23 -19.51 -9.84
CA LEU A 95 4.79 -18.43 -10.66
C LEU A 95 4.29 -18.62 -12.08
N VAL A 96 3.57 -17.63 -12.62
CA VAL A 96 3.13 -17.64 -14.00
C VAL A 96 3.90 -16.55 -14.78
N SER A 97 4.69 -16.95 -15.80
CA SER A 97 5.52 -16.04 -16.60
C SER A 97 6.51 -15.30 -15.74
N ALA A 98 7.43 -16.07 -15.11
CA ALA A 98 8.48 -15.52 -14.29
C ALA A 98 9.74 -15.29 -15.13
N TYR A 99 10.59 -14.40 -14.64
CA TYR A 99 11.81 -13.97 -15.36
C TYR A 99 12.77 -13.38 -14.33
N THR A 100 13.93 -12.88 -14.78
CA THR A 100 14.99 -12.54 -13.86
C THR A 100 15.62 -11.17 -13.99
N SER A 101 15.40 -10.48 -15.11
CA SER A 101 16.01 -9.17 -15.33
C SER A 101 14.99 -8.17 -15.82
N ASP A 102 15.42 -6.91 -15.89
CA ASP A 102 14.55 -5.85 -16.35
C ASP A 102 14.30 -5.85 -17.87
N LEU A 103 14.98 -6.76 -18.57
CA LEU A 103 14.85 -6.95 -20.02
C LEU A 103 15.00 -5.63 -20.79
N GLY A 104 15.85 -4.74 -20.24
CA GLY A 104 16.15 -3.44 -20.80
C GLY A 104 14.96 -2.51 -20.88
N ASP A 105 13.92 -2.78 -20.10
CA ASP A 105 12.69 -2.00 -20.14
C ASP A 105 12.73 -1.02 -18.98
N GLU A 106 12.46 0.27 -19.27
CA GLU A 106 12.56 1.31 -18.25
C GLU A 106 11.53 1.14 -17.13
N ASN A 107 10.32 0.69 -17.47
CA ASN A 107 9.28 0.48 -16.46
C ASN A 107 9.63 -0.69 -15.53
N GLU A 108 10.19 -1.75 -16.10
CA GLU A 108 10.72 -2.85 -15.30
C GLU A 108 11.88 -2.40 -14.38
N ARG A 109 12.81 -1.63 -14.92
CA ARG A 109 13.93 -1.09 -14.11
C ARG A 109 13.35 -0.24 -12.96
N ALA A 110 12.35 0.61 -13.25
CA ALA A 110 11.80 1.48 -12.23
C ALA A 110 11.10 0.76 -11.07
N SER A 111 10.74 -0.52 -11.28
CA SER A 111 10.12 -1.34 -10.24
C SER A 111 11.05 -1.58 -9.05
N GLY A 112 12.37 -1.57 -9.32
CA GLY A 112 13.36 -1.89 -8.33
C GLY A 112 13.62 -3.35 -8.09
N TYR A 113 12.85 -4.26 -8.73
CA TYR A 113 13.02 -5.71 -8.44
C TYR A 113 14.35 -6.27 -8.91
N PHE A 114 15.05 -5.61 -9.82
CA PHE A 114 16.11 -6.21 -10.59
C PHE A 114 17.48 -5.56 -10.35
N THR A 115 17.58 -4.80 -9.25
CA THR A 115 18.75 -3.97 -9.00
C THR A 115 19.86 -4.69 -8.26
N ARG A 116 19.64 -5.96 -7.95
CA ARG A 116 20.65 -6.82 -7.28
C ARG A 116 20.34 -8.28 -7.62
N PRO A 117 21.30 -9.18 -7.37
CA PRO A 117 21.07 -10.60 -7.61
C PRO A 117 19.87 -11.17 -6.84
N TRP A 118 19.37 -12.29 -7.36
CA TRP A 118 18.33 -13.06 -6.76
C TRP A 118 18.88 -13.94 -5.66
N GLN A 119 18.21 -13.96 -4.51
CA GLN A 119 18.62 -14.79 -3.38
C GLN A 119 17.90 -16.13 -3.43
N TRP A 120 18.29 -16.94 -4.41
CA TRP A 120 17.60 -18.16 -4.73
C TRP A 120 17.52 -19.12 -3.54
N GLU A 121 18.63 -19.24 -2.79
CA GLU A 121 18.66 -20.17 -1.66
C GLU A 121 17.72 -19.77 -0.52
N LYS A 122 17.58 -18.47 -0.27
CA LYS A 122 16.65 -17.94 0.72
C LYS A 122 15.20 -18.24 0.30
N ILE A 123 14.91 -18.05 -0.99
CA ILE A 123 13.56 -18.34 -1.50
C ILE A 123 13.22 -19.82 -1.29
N LYS A 124 14.15 -20.71 -1.70
CA LYS A 124 13.94 -22.15 -1.56
C LYS A 124 13.76 -22.54 -0.11
N ALA A 125 14.52 -21.90 0.78
CA ALA A 125 14.43 -22.18 2.20
C ALA A 125 13.09 -21.71 2.80
N ASN A 126 12.52 -20.64 2.24
CA ASN A 126 11.32 -20.04 2.79
C ASN A 126 10.01 -20.57 2.18
N CYS A 127 10.13 -21.31 1.08
CA CYS A 127 8.97 -21.74 0.33
C CYS A 127 9.18 -23.18 -0.13
N PRO A 128 8.53 -24.17 0.54
CA PRO A 128 8.78 -25.57 0.25
C PRO A 128 8.21 -26.06 -1.09
N TYR A 129 7.21 -25.37 -1.62
CA TYR A 129 6.54 -25.78 -2.89
C TYR A 129 6.59 -24.60 -3.87
N ILE A 130 7.32 -24.74 -4.96
CA ILE A 130 7.38 -23.71 -6.00
C ILE A 130 7.00 -24.38 -7.31
N VAL A 131 5.87 -23.94 -7.88
CA VAL A 131 5.35 -24.42 -9.14
C VAL A 131 5.46 -23.25 -10.11
N GLN A 132 5.73 -23.56 -11.38
CA GLN A 132 5.95 -22.55 -12.40
C GLN A 132 5.25 -22.92 -13.69
N PHE A 133 4.54 -21.94 -14.26
CA PHE A 133 3.99 -22.00 -15.60
C PHE A 133 4.78 -21.06 -16.50
N GLY A 134 5.16 -21.54 -17.69
CA GLY A 134 5.88 -20.74 -18.66
C GLY A 134 5.51 -21.20 -20.04
N SER A 135 5.52 -20.28 -20.99
CA SER A 135 5.25 -20.63 -22.37
C SER A 135 6.39 -20.16 -23.28
N THR A 136 6.79 -21.03 -24.22
CA THR A 136 7.90 -20.75 -25.09
C THR A 136 7.60 -19.63 -26.09
N ASP A 137 6.33 -19.33 -26.33
CA ASP A 137 5.90 -18.29 -27.24
C ASP A 137 5.54 -16.99 -26.55
N ASP A 138 6.01 -16.83 -25.30
CA ASP A 138 5.74 -15.62 -24.56
C ASP A 138 6.34 -14.44 -25.30
N PRO A 139 5.55 -13.44 -25.73
CA PRO A 139 6.06 -12.33 -26.53
C PRO A 139 6.90 -11.33 -25.73
N PHE A 140 6.86 -11.41 -24.40
CA PHE A 140 7.59 -10.48 -23.54
C PHE A 140 8.91 -11.04 -23.04
N LEU A 141 9.00 -12.35 -22.87
CA LEU A 141 10.08 -13.00 -22.12
C LEU A 141 10.93 -13.91 -22.99
N PRO A 142 12.26 -13.83 -22.90
CA PRO A 142 13.12 -14.86 -23.46
C PRO A 142 12.99 -16.15 -22.67
N TRP A 143 12.93 -17.29 -23.37
CA TRP A 143 12.77 -18.57 -22.71
C TRP A 143 13.90 -18.79 -21.69
N LYS A 144 15.11 -18.34 -22.01
CA LYS A 144 16.23 -18.53 -21.11
C LYS A 144 15.99 -17.97 -19.69
N GLU A 145 15.26 -16.86 -19.56
CA GLU A 145 14.96 -16.32 -18.24
C GLU A 145 13.92 -17.12 -17.48
N GLN A 146 12.97 -17.69 -18.20
CA GLN A 146 12.00 -18.58 -17.58
C GLN A 146 12.71 -19.84 -17.11
N GLN A 147 13.61 -20.34 -17.96
CA GLN A 147 14.39 -21.52 -17.62
C GLN A 147 15.32 -21.26 -16.45
N GLU A 148 15.86 -20.04 -16.36
CA GLU A 148 16.73 -19.68 -15.24
C GLU A 148 15.97 -19.81 -13.90
N VAL A 149 14.76 -19.23 -13.83
CA VAL A 149 13.94 -19.39 -12.64
C VAL A 149 13.73 -20.88 -12.32
N ALA A 150 13.41 -21.67 -13.33
CA ALA A 150 13.12 -23.09 -13.16
C ALA A 150 14.31 -23.84 -12.57
N ASP A 151 15.48 -23.56 -13.13
CA ASP A 151 16.73 -24.20 -12.69
C ASP A 151 17.13 -23.73 -11.29
N ARG A 152 17.09 -22.42 -11.03
CA ARG A 152 17.62 -21.85 -9.76
C ARG A 152 16.65 -22.13 -8.60
N LEU A 153 15.33 -22.17 -8.84
CA LEU A 153 14.37 -22.47 -7.78
C LEU A 153 13.91 -23.91 -7.78
N GLU A 154 14.43 -24.70 -8.71
CA GLU A 154 14.10 -26.11 -8.83
C GLU A 154 12.59 -26.29 -8.86
N THR A 155 11.93 -25.50 -9.71
CA THR A 155 10.48 -25.49 -9.71
C THR A 155 9.91 -26.72 -10.35
N LYS A 156 8.66 -27.01 -10.00
CA LYS A 156 7.84 -27.94 -10.76
C LYS A 156 7.33 -27.16 -11.98
N LEU A 157 7.96 -27.39 -13.14
CA LEU A 157 7.70 -26.60 -14.33
C LEU A 157 6.64 -27.19 -15.26
N HIS A 158 5.61 -26.40 -15.55
CA HIS A 158 4.57 -26.71 -16.51
C HIS A 158 4.87 -25.84 -17.72
N LYS A 159 5.44 -26.46 -18.75
CA LYS A 159 5.98 -25.79 -19.91
C LYS A 159 5.05 -25.98 -21.09
N PHE A 160 4.50 -24.88 -21.57
CA PHE A 160 3.60 -24.82 -22.69
C PHE A 160 4.27 -24.14 -23.89
N THR A 161 3.60 -24.25 -25.05
CA THR A 161 4.11 -23.67 -26.30
C THR A 161 3.20 -22.62 -26.91
N ASP A 162 1.99 -22.46 -26.35
CA ASP A 162 0.98 -21.67 -26.98
C ASP A 162 0.15 -20.82 -26.06
N CYS A 163 0.67 -20.52 -24.86
CA CYS A 163 -0.09 -19.70 -23.91
C CYS A 163 0.38 -18.24 -23.85
N GLY A 164 1.40 -17.89 -24.63
CA GLY A 164 1.91 -16.53 -24.63
C GLY A 164 2.31 -16.09 -23.22
N HIS A 165 1.81 -14.92 -22.82
CA HIS A 165 2.07 -14.37 -21.48
C HIS A 165 0.95 -14.72 -20.49
N PHE A 166 0.16 -15.75 -20.80
CA PHE A 166 -0.97 -16.19 -19.97
C PHE A 166 -1.96 -15.08 -19.70
N GLN A 167 -2.57 -14.59 -20.79
CA GLN A 167 -3.51 -13.49 -20.73
C GLN A 167 -4.93 -13.88 -21.10
N ASN A 168 -5.21 -15.18 -21.18
CA ASN A 168 -6.57 -15.64 -21.47
C ASN A 168 -7.44 -15.49 -20.24
N THR A 169 -8.76 -15.73 -20.43
CA THR A 169 -9.72 -15.51 -19.37
C THR A 169 -9.94 -16.66 -18.41
N GLU A 170 -9.57 -17.88 -18.80
CA GLU A 170 -9.75 -19.05 -17.94
C GLU A 170 -8.42 -19.76 -17.87
N PHE A 171 -8.22 -20.52 -16.80
CA PHE A 171 -6.95 -21.19 -16.51
C PHE A 171 -7.13 -22.43 -15.65
N HIS A 172 -7.71 -23.50 -16.23
CA HIS A 172 -7.99 -24.72 -15.46
C HIS A 172 -6.75 -25.39 -14.90
N GLU A 173 -5.63 -25.35 -15.65
CA GLU A 173 -4.45 -26.07 -15.25
C GLU A 173 -3.93 -25.49 -13.91
N LEU A 174 -4.14 -24.19 -13.72
CA LEU A 174 -3.76 -23.52 -12.48
C LEU A 174 -4.62 -23.97 -11.31
N ILE A 175 -5.93 -24.16 -11.56
CA ILE A 175 -6.82 -24.70 -10.52
C ILE A 175 -6.34 -26.08 -10.06
N THR A 176 -6.01 -26.94 -11.02
CA THR A 176 -5.52 -28.25 -10.73
C THR A 176 -4.27 -28.22 -9.86
N VAL A 177 -3.33 -27.34 -10.20
CA VAL A 177 -2.14 -27.14 -9.39
C VAL A 177 -2.46 -26.76 -7.95
N VAL A 178 -3.34 -25.78 -7.78
CA VAL A 178 -3.71 -25.32 -6.44
C VAL A 178 -4.37 -26.43 -5.64
N LYS A 179 -5.27 -27.18 -6.28
CA LYS A 179 -5.93 -28.27 -5.58
C LYS A 179 -4.94 -29.34 -5.18
N SER A 180 -3.89 -29.54 -5.99
CA SER A 180 -2.85 -30.52 -5.65
C SER A 180 -2.05 -30.07 -4.42
N LEU A 181 -1.79 -28.76 -4.34
CA LEU A 181 -1.05 -28.19 -3.22
C LEU A 181 -1.84 -28.24 -1.93
N LEU A 182 -3.17 -28.19 -2.03
CA LEU A 182 -4.09 -28.30 -0.90
C LEU A 182 -4.08 -29.66 -0.19
N LYS A 183 -3.55 -30.68 -0.87
CA LYS A 183 -3.33 -31.99 -0.25
C LYS A 183 -2.04 -32.07 0.54
N VAL A 184 -1.19 -31.04 0.48
CA VAL A 184 0.08 -30.95 1.22
C VAL A 184 0.95 -32.12 0.73
N PRO A 185 1.43 -32.06 -0.54
CA PRO A 185 2.09 -33.20 -1.17
C PRO A 185 3.48 -33.47 -0.58
N ALA A 186 4.04 -34.64 -0.88
CA ALA A 186 5.33 -35.04 -0.33
C ALA A 186 6.38 -34.00 -0.72
N LEU A 187 7.20 -33.58 0.25
CA LEU A 187 8.31 -32.66 -0.03
C LEU A 187 9.33 -33.34 -0.95
N GLU A 188 9.74 -32.63 -2.01
CA GLU A 188 10.70 -33.15 -2.99
C GLU A 188 12.11 -32.69 -2.61
N HIS A 189 13.13 -33.44 -3.05
CA HIS A 189 14.50 -33.08 -2.73
C HIS A 189 14.99 -31.88 -3.54
N HIS A 190 15.31 -30.79 -2.83
CA HIS A 190 15.97 -29.63 -3.37
C HIS A 190 17.36 -29.47 -2.77
N HIS A 191 18.17 -28.64 -3.41
CA HIS A 191 19.54 -28.41 -3.03
C HIS A 191 19.61 -27.07 -2.30
N HIS A 192 20.05 -27.11 -1.03
CA HIS A 192 20.10 -25.92 -0.17
C HIS A 192 21.55 -25.59 0.17
N HIS A 193 22.01 -24.39 -0.24
CA HIS A 193 23.37 -23.87 0.06
C HIS A 193 23.34 -22.54 0.81
N ALA B 2 -22.05 10.49 11.48
CA ALA B 2 -22.77 11.80 11.48
C ALA B 2 -22.51 12.60 12.76
N SER B 3 -22.21 11.92 13.86
CA SER B 3 -21.73 12.58 15.08
C SER B 3 -20.28 12.16 15.32
N PRO B 4 -19.36 13.11 15.62
CA PRO B 4 -17.95 12.79 15.84
C PRO B 4 -17.65 12.11 17.16
N SER B 5 -16.81 11.09 17.16
CA SER B 5 -16.49 10.31 18.35
C SER B 5 -15.04 10.33 18.77
N LYS B 6 -14.12 10.62 17.85
CA LYS B 6 -12.71 10.67 18.19
C LYS B 6 -11.95 11.55 17.21
N ALA B 7 -10.75 11.95 17.61
CA ALA B 7 -9.76 12.54 16.73
C ALA B 7 -8.62 11.55 16.57
N VAL B 8 -7.96 11.64 15.41
CA VAL B 8 -6.77 10.89 15.12
C VAL B 8 -5.72 11.89 14.59
N ILE B 9 -4.53 11.88 15.19
CA ILE B 9 -3.44 12.72 14.73
C ILE B 9 -2.55 11.90 13.82
N VAL B 10 -2.36 12.38 12.58
CA VAL B 10 -1.41 11.78 11.65
C VAL B 10 -0.24 12.76 11.55
N PRO B 11 0.95 12.38 12.04
CA PRO B 11 2.07 13.31 12.17
C PRO B 11 2.80 13.56 10.84
N GLY B 12 3.82 14.42 10.89
CA GLY B 12 4.72 14.55 9.77
C GLY B 12 5.63 13.37 9.61
N ASN B 13 6.40 13.41 8.52
CA ASN B 13 7.33 12.37 8.21
C ASN B 13 8.59 12.58 9.04
N GLY B 14 9.52 11.61 8.99
CA GLY B 14 10.59 11.50 9.98
C GLY B 14 10.35 10.54 11.15
N GLY B 15 11.42 10.25 11.90
CA GLY B 15 11.42 9.20 12.89
C GLY B 15 11.12 9.60 14.32
N GLY B 16 10.70 10.85 14.53
CA GLY B 16 10.37 11.33 15.86
C GLY B 16 9.27 10.47 16.47
N ASP B 17 9.45 10.07 17.74
CA ASP B 17 8.43 9.35 18.49
C ASP B 17 7.27 10.36 18.58
N VAL B 18 6.07 9.91 18.21
CA VAL B 18 4.93 10.79 18.13
C VAL B 18 4.61 11.41 19.49
N THR B 19 4.79 10.64 20.57
CA THR B 19 4.39 11.09 21.91
C THR B 19 5.25 12.23 22.49
N THR B 20 6.46 12.41 21.94
CA THR B 20 7.44 13.35 22.47
C THR B 20 8.02 14.36 21.47
N HIS B 21 7.49 14.38 20.24
CA HIS B 21 7.86 15.34 19.22
C HIS B 21 6.76 16.41 19.05
N GLY B 22 7.14 17.69 18.95
CA GLY B 22 6.18 18.74 18.65
C GLY B 22 4.98 18.79 19.59
N TRP B 23 3.82 19.09 19.03
CA TRP B 23 2.62 19.35 19.80
C TRP B 23 1.67 18.15 19.92
N TYR B 24 2.03 17.03 19.32
CA TYR B 24 1.09 15.88 19.15
C TYR B 24 0.63 15.40 20.54
N GLY B 25 1.58 15.20 21.46
CA GLY B 25 1.27 14.71 22.79
C GLY B 25 0.38 15.61 23.62
N TRP B 26 0.68 16.91 23.56
CA TRP B 26 -0.05 17.90 24.30
C TRP B 26 -1.48 17.99 23.79
N VAL B 27 -1.64 17.99 22.46
CA VAL B 27 -2.94 18.07 21.87
C VAL B 27 -3.77 16.82 22.22
N LYS B 28 -3.15 15.64 22.16
CA LYS B 28 -3.79 14.40 22.56
C LYS B 28 -4.34 14.52 23.97
N LYS B 29 -3.48 14.96 24.90
CA LYS B 29 -3.87 15.08 26.33
C LYS B 29 -4.99 16.07 26.52
N GLU B 30 -4.90 17.22 25.84
CA GLU B 30 -5.96 18.20 25.91
C GLU B 30 -7.31 17.68 25.37
N LEU B 31 -7.28 16.99 24.22
CA LEU B 31 -8.51 16.48 23.65
C LEU B 31 -9.12 15.37 24.52
N GLU B 32 -8.26 14.60 25.20
CA GLU B 32 -8.73 13.54 26.08
C GLU B 32 -9.39 14.07 27.36
N LYS B 33 -9.28 15.38 27.62
CA LYS B 33 -10.05 16.04 28.69
C LYS B 33 -11.53 16.21 28.38
N ILE B 34 -11.90 16.07 27.12
CA ILE B 34 -13.26 16.20 26.64
C ILE B 34 -13.99 14.92 27.00
N PRO B 35 -15.04 14.96 27.84
CA PRO B 35 -15.71 13.72 28.24
C PRO B 35 -16.20 12.89 27.05
N GLY B 36 -15.84 11.61 27.07
CA GLY B 36 -16.28 10.67 26.07
C GLY B 36 -15.53 10.71 24.75
N PHE B 37 -14.53 11.60 24.66
CA PHE B 37 -13.78 11.81 23.42
C PHE B 37 -12.43 11.15 23.53
N GLN B 38 -11.97 10.61 22.39
CA GLN B 38 -10.70 9.92 22.37
C GLN B 38 -9.81 10.67 21.33
N CYS B 39 -8.51 10.55 21.50
CA CYS B 39 -7.54 11.05 20.51
C CYS B 39 -6.44 10.06 20.35
N LEU B 40 -6.37 9.45 19.16
CA LEU B 40 -5.37 8.45 18.86
C LEU B 40 -4.20 9.13 18.19
N ALA B 41 -3.01 8.75 18.56
CA ALA B 41 -1.79 9.26 17.98
C ALA B 41 -0.78 8.17 18.16
N LYS B 42 -0.37 7.55 17.04
CA LYS B 42 0.56 6.43 17.05
C LYS B 42 1.71 6.65 16.08
N ASN B 43 2.86 6.06 16.41
CA ASN B 43 3.96 6.05 15.48
C ASN B 43 3.58 5.33 14.19
N MET B 44 3.89 5.95 13.06
CA MET B 44 3.47 5.47 11.76
C MET B 44 4.44 4.42 11.23
N PRO B 45 3.94 3.40 10.49
CA PRO B 45 4.83 2.54 9.71
C PRO B 45 5.51 3.36 8.60
N ASP B 46 6.67 2.93 8.12
CA ASP B 46 7.39 3.68 7.07
C ASP B 46 7.47 5.18 7.42
N PRO B 47 7.95 5.53 8.63
CA PRO B 47 7.80 6.91 9.12
C PRO B 47 8.60 7.96 8.33
N ILE B 48 9.68 7.55 7.67
CA ILE B 48 10.51 8.52 6.94
C ILE B 48 9.93 8.91 5.61
N THR B 49 9.60 7.90 4.78
CA THR B 49 9.11 8.07 3.43
C THR B 49 7.60 8.32 3.41
N ALA B 50 6.91 7.83 4.44
CA ALA B 50 5.48 8.05 4.63
C ALA B 50 4.67 7.64 3.41
N ARG B 51 5.02 6.50 2.82
CA ARG B 51 4.39 6.09 1.54
C ARG B 51 2.87 6.02 1.69
N GLU B 52 2.16 6.64 0.74
CA GLU B 52 0.72 6.66 0.69
C GLU B 52 0.12 5.27 0.88
N SER B 53 0.70 4.29 0.17
CA SER B 53 0.13 2.96 0.16
C SER B 53 0.30 2.22 1.47
N ILE B 54 1.13 2.75 2.39
CA ILE B 54 1.36 2.21 3.70
C ILE B 54 0.61 3.00 4.80
N TRP B 55 0.70 4.34 4.72
CA TRP B 55 0.00 5.18 5.69
C TRP B 55 -1.55 5.09 5.62
N LEU B 56 -2.10 5.04 4.40
CA LEU B 56 -3.54 5.09 4.26
C LEU B 56 -4.20 3.81 4.81
N PRO B 57 -3.70 2.59 4.51
CA PRO B 57 -4.28 1.42 5.17
C PRO B 57 -4.06 1.43 6.70
N PHE B 58 -2.96 2.01 7.20
CA PHE B 58 -2.72 2.09 8.63
C PHE B 58 -3.77 3.00 9.25
N MET B 59 -4.08 4.11 8.58
CA MET B 59 -5.11 5.03 9.06
C MET B 59 -6.46 4.32 9.13
N GLU B 60 -6.75 3.44 8.16
CA GLU B 60 -8.02 2.71 8.12
C GLU B 60 -8.06 1.64 9.20
N THR B 61 -7.02 0.81 9.24
CA THR B 61 -7.07 -0.45 9.98
C THR B 61 -6.63 -0.34 11.44
N GLU B 62 -5.61 0.49 11.68
CA GLU B 62 -4.98 0.63 12.98
C GLU B 62 -5.46 1.87 13.72
N LEU B 63 -5.79 2.94 12.97
CA LEU B 63 -6.29 4.17 13.57
C LEU B 63 -7.78 4.34 13.44
N HIS B 64 -8.43 3.41 12.72
CA HIS B 64 -9.88 3.37 12.63
C HIS B 64 -10.52 4.66 12.16
N CYS B 65 -9.91 5.32 11.17
CA CYS B 65 -10.45 6.54 10.65
C CYS B 65 -11.70 6.32 9.85
N ASP B 66 -12.81 6.83 10.38
CA ASP B 66 -14.11 6.56 9.81
C ASP B 66 -14.98 7.79 9.79
N GLU B 67 -16.28 7.61 9.49
CA GLU B 67 -17.19 8.72 9.31
C GLU B 67 -17.48 9.48 10.61
N LYS B 68 -17.01 8.96 11.73
CA LYS B 68 -17.13 9.61 13.01
C LYS B 68 -15.79 10.17 13.52
N THR B 69 -14.78 10.21 12.64
CA THR B 69 -13.44 10.65 13.03
C THR B 69 -13.12 12.05 12.51
N ILE B 70 -12.50 12.85 13.38
CA ILE B 70 -11.80 14.08 13.00
C ILE B 70 -10.33 13.75 12.83
N ILE B 71 -9.83 13.82 11.60
CA ILE B 71 -8.43 13.60 11.33
C ILE B 71 -7.68 14.92 11.40
N ILE B 72 -6.63 14.95 12.21
CA ILE B 72 -5.73 16.10 12.34
C ILE B 72 -4.43 15.65 11.67
N GLY B 73 -4.11 16.25 10.53
CA GLY B 73 -2.94 15.88 9.76
C GLY B 73 -1.93 17.01 9.72
N HIS B 74 -0.70 16.73 10.08
CA HIS B 74 0.40 17.69 10.06
C HIS B 74 1.39 17.35 8.91
N SER B 75 1.54 18.27 7.97
CA SER B 75 2.55 18.19 6.93
C SER B 75 2.30 16.93 6.06
N SER B 76 3.21 15.95 6.06
CA SER B 76 2.91 14.69 5.35
C SER B 76 1.58 14.11 5.80
N GLY B 77 1.24 14.24 7.10
CA GLY B 77 -0.02 13.75 7.61
C GLY B 77 -1.22 14.50 7.05
N ALA B 78 -1.04 15.80 6.78
CA ALA B 78 -2.06 16.59 6.12
C ALA B 78 -2.30 16.04 4.69
N ILE B 79 -1.20 15.79 3.98
CA ILE B 79 -1.24 15.19 2.66
C ILE B 79 -1.99 13.86 2.70
N ALA B 80 -1.59 12.99 3.65
CA ALA B 80 -2.25 11.69 3.82
C ALA B 80 -3.73 11.83 4.09
N ALA B 81 -4.10 12.77 4.95
CA ALA B 81 -5.51 13.03 5.27
C ALA B 81 -6.31 13.41 4.00
N MET B 82 -5.71 14.23 3.15
CA MET B 82 -6.39 14.66 1.93
C MET B 82 -6.55 13.50 0.97
N ARG B 83 -5.50 12.69 0.77
CA ARG B 83 -5.64 11.50 -0.12
C ARG B 83 -6.60 10.49 0.53
N TYR B 84 -6.56 10.32 1.85
CA TYR B 84 -7.46 9.39 2.56
C TYR B 84 -8.91 9.77 2.24
N ALA B 85 -9.22 11.07 2.26
CA ALA B 85 -10.56 11.53 2.04
C ALA B 85 -11.06 11.40 0.60
N GLU B 86 -10.15 11.11 -0.34
CA GLU B 86 -10.60 10.80 -1.70
C GLU B 86 -11.40 9.53 -1.74
N THR B 87 -11.08 8.57 -0.85
CA THR B 87 -11.67 7.23 -0.88
C THR B 87 -12.32 6.74 0.44
N HIS B 88 -12.46 7.65 1.41
CA HIS B 88 -13.08 7.35 2.69
C HIS B 88 -13.87 8.53 3.16
N ARG B 89 -15.02 8.22 3.76
CA ARG B 89 -15.88 9.25 4.43
C ARG B 89 -15.28 9.50 5.82
N VAL B 90 -15.13 10.76 6.21
CA VAL B 90 -14.67 11.12 7.53
C VAL B 90 -15.47 12.33 7.96
N TYR B 91 -15.56 12.54 9.26
CA TYR B 91 -16.39 13.62 9.84
C TYR B 91 -15.78 14.99 9.51
N ALA B 92 -14.49 15.15 9.81
CA ALA B 92 -13.79 16.41 9.54
C ALA B 92 -12.33 16.17 9.41
N ILE B 93 -11.65 17.09 8.73
CA ILE B 93 -10.21 17.09 8.64
C ILE B 93 -9.71 18.46 9.07
N VAL B 94 -8.66 18.47 9.90
CA VAL B 94 -7.94 19.67 10.25
C VAL B 94 -6.54 19.50 9.67
N LEU B 95 -6.23 20.34 8.69
CA LEU B 95 -4.95 20.26 7.97
C LEU B 95 -3.99 21.30 8.57
N VAL B 96 -2.82 20.87 9.03
CA VAL B 96 -1.79 21.80 9.50
C VAL B 96 -0.62 21.72 8.52
N SER B 97 -0.32 22.81 7.82
CA SER B 97 0.81 22.89 6.86
C SER B 97 0.61 21.94 5.69
N ALA B 98 -0.47 22.19 4.95
CA ALA B 98 -0.85 21.41 3.77
C ALA B 98 -0.26 22.04 2.53
N TYR B 99 -0.12 21.21 1.49
CA TYR B 99 0.53 21.63 0.21
C TYR B 99 0.06 20.67 -0.88
N THR B 100 0.54 20.89 -2.11
CA THR B 100 -0.06 20.19 -3.23
C THR B 100 0.91 19.42 -4.13
N SER B 101 2.22 19.70 -4.03
CA SER B 101 3.21 19.05 -4.90
C SER B 101 4.38 18.56 -4.11
N ASP B 102 5.25 17.80 -4.78
CA ASP B 102 6.42 17.25 -4.13
C ASP B 102 7.55 18.29 -3.89
N LEU B 103 7.31 19.51 -4.37
CA LEU B 103 8.25 20.63 -4.20
C LEU B 103 9.66 20.29 -4.68
N GLY B 104 9.72 19.40 -5.67
CA GLY B 104 10.98 18.89 -6.20
C GLY B 104 11.84 18.11 -5.23
N ASP B 105 11.26 17.68 -4.10
CA ASP B 105 11.99 17.01 -3.05
C ASP B 105 11.86 15.50 -3.26
N GLU B 106 12.99 14.79 -3.22
CA GLU B 106 12.99 13.37 -3.57
C GLU B 106 12.21 12.51 -2.58
N ASN B 107 12.30 12.85 -1.29
CA ASN B 107 11.58 12.12 -0.27
C ASN B 107 10.07 12.33 -0.35
N GLU B 108 9.65 13.56 -0.65
CA GLU B 108 8.25 13.84 -0.97
C GLU B 108 7.76 13.06 -2.20
N ARG B 109 8.56 13.05 -3.27
CA ARG B 109 8.22 12.27 -4.48
C ARG B 109 8.05 10.78 -4.09
N ALA B 110 8.96 10.26 -3.27
CA ALA B 110 8.93 8.83 -2.93
C ALA B 110 7.68 8.41 -2.15
N SER B 111 7.00 9.38 -1.51
CA SER B 111 5.78 9.13 -0.74
C SER B 111 4.64 8.62 -1.64
N GLY B 112 4.69 8.98 -2.94
CA GLY B 112 3.60 8.67 -3.83
C GLY B 112 2.36 9.53 -3.77
N TYR B 113 2.31 10.51 -2.86
CA TYR B 113 1.11 11.34 -2.71
C TYR B 113 0.87 12.24 -3.92
N PHE B 114 1.90 12.51 -4.73
CA PHE B 114 1.84 13.61 -5.68
C PHE B 114 1.90 13.10 -7.14
N THR B 115 1.61 11.81 -7.33
CA THR B 115 1.86 11.13 -8.62
C THR B 115 0.73 11.24 -9.62
N ARG B 116 -0.40 11.81 -9.21
CA ARG B 116 -1.59 11.97 -10.08
C ARG B 116 -2.38 13.16 -9.58
N PRO B 117 -3.38 13.64 -10.36
CA PRO B 117 -4.18 14.78 -9.95
C PRO B 117 -4.87 14.62 -8.59
N TRP B 118 -5.13 15.74 -7.93
CA TRP B 118 -5.92 15.78 -6.71
C TRP B 118 -7.39 15.74 -7.07
N GLN B 119 -8.16 14.89 -6.38
CA GLN B 119 -9.57 14.75 -6.57
C GLN B 119 -10.31 15.61 -5.57
N TRP B 120 -10.26 16.93 -5.78
CA TRP B 120 -10.76 17.88 -4.81
C TRP B 120 -12.26 17.71 -4.53
N GLU B 121 -13.04 17.45 -5.60
CA GLU B 121 -14.48 17.30 -5.42
C GLU B 121 -14.86 16.05 -4.62
N LYS B 122 -14.12 14.96 -4.80
CA LYS B 122 -14.32 13.74 -4.02
C LYS B 122 -14.01 14.00 -2.53
N ILE B 123 -12.91 14.71 -2.26
CA ILE B 123 -12.56 15.07 -0.89
C ILE B 123 -13.69 15.84 -0.24
N LYS B 124 -14.15 16.91 -0.90
CA LYS B 124 -15.22 17.72 -0.38
C LYS B 124 -16.50 16.91 -0.15
N ALA B 125 -16.79 15.99 -1.07
CA ALA B 125 -17.98 15.14 -0.92
C ALA B 125 -17.87 14.17 0.26
N ASN B 126 -16.64 13.74 0.56
CA ASN B 126 -16.41 12.73 1.57
C ASN B 126 -16.11 13.30 2.96
N CYS B 127 -15.83 14.60 3.02
CA CYS B 127 -15.44 15.25 4.28
C CYS B 127 -16.13 16.61 4.33
N PRO B 128 -17.24 16.73 5.07
CA PRO B 128 -18.05 17.95 5.02
C PRO B 128 -17.39 19.18 5.67
N TYR B 129 -16.45 18.98 6.58
CA TYR B 129 -15.83 20.07 7.38
C TYR B 129 -14.31 20.00 7.24
N ILE B 130 -13.72 21.00 6.60
CA ILE B 130 -12.26 21.04 6.37
C ILE B 130 -11.74 22.37 6.90
N VAL B 131 -10.90 22.29 7.93
CA VAL B 131 -10.27 23.44 8.56
C VAL B 131 -8.78 23.34 8.28
N GLN B 132 -8.13 24.49 8.06
CA GLN B 132 -6.74 24.52 7.69
C GLN B 132 -5.98 25.57 8.48
N PHE B 133 -4.81 25.17 8.98
CA PHE B 133 -3.82 26.09 9.52
C PHE B 133 -2.64 26.19 8.57
N GLY B 134 -2.16 27.41 8.35
CA GLY B 134 -1.00 27.65 7.55
C GLY B 134 -0.31 28.90 8.04
N SER B 135 1.00 28.95 7.85
CA SER B 135 1.77 30.13 8.23
C SER B 135 2.60 30.63 7.07
N THR B 136 2.59 31.94 6.86
CA THR B 136 3.31 32.54 5.73
C THR B 136 4.80 32.46 5.83
N ASP B 137 5.34 32.21 7.02
CA ASP B 137 6.76 32.09 7.27
C ASP B 137 7.22 30.65 7.34
N ASP B 138 6.38 29.74 6.83
CA ASP B 138 6.73 28.32 6.81
C ASP B 138 8.00 28.15 5.99
N PRO B 139 9.10 27.62 6.57
CA PRO B 139 10.37 27.52 5.85
C PRO B 139 10.40 26.44 4.77
N PHE B 140 9.41 25.54 4.78
CA PHE B 140 9.37 24.40 3.85
C PHE B 140 8.42 24.59 2.70
N LEU B 141 7.37 25.38 2.90
CA LEU B 141 6.25 25.43 1.96
C LEU B 141 6.10 26.81 1.34
N PRO B 142 5.92 26.90 0.01
CA PRO B 142 5.52 28.17 -0.60
C PRO B 142 4.08 28.50 -0.20
N TRP B 143 3.80 29.76 0.13
CA TRP B 143 2.47 30.15 0.54
C TRP B 143 1.44 29.79 -0.56
N LYS B 144 1.84 29.92 -1.82
CA LYS B 144 0.92 29.63 -2.91
C LYS B 144 0.33 28.19 -2.86
N GLU B 145 1.12 27.22 -2.38
CA GLU B 145 0.58 25.86 -2.27
C GLU B 145 -0.38 25.69 -1.11
N GLN B 146 -0.13 26.41 -0.02
CA GLN B 146 -1.05 26.38 1.11
C GLN B 146 -2.37 27.04 0.69
N GLN B 147 -2.25 28.17 -0.02
CA GLN B 147 -3.42 28.86 -0.52
C GLN B 147 -4.18 28.04 -1.55
N GLU B 148 -3.46 27.27 -2.37
CA GLU B 148 -4.11 26.38 -3.35
C GLU B 148 -5.03 25.36 -2.66
N VAL B 149 -4.51 24.70 -1.62
CA VAL B 149 -5.33 23.79 -0.84
C VAL B 149 -6.60 24.53 -0.34
N ALA B 150 -6.42 25.74 0.21
CA ALA B 150 -7.52 26.48 0.80
C ALA B 150 -8.58 26.80 -0.23
N ASP B 151 -8.14 27.20 -1.42
CA ASP B 151 -9.02 27.54 -2.54
C ASP B 151 -9.75 26.29 -3.09
N ARG B 152 -9.02 25.21 -3.31
CA ARG B 152 -9.57 23.99 -3.97
C ARG B 152 -10.48 23.22 -3.02
N LEU B 153 -10.19 23.19 -1.70
CA LEU B 153 -11.03 22.50 -0.74
C LEU B 153 -12.00 23.41 0.01
N GLU B 154 -11.96 24.72 -0.31
CA GLU B 154 -12.81 25.72 0.32
C GLU B 154 -12.70 25.60 1.85
N THR B 155 -11.46 25.54 2.34
CA THR B 155 -11.26 25.34 3.74
C THR B 155 -11.59 26.57 4.56
N LYS B 156 -11.87 26.33 5.85
CA LYS B 156 -11.86 27.41 6.84
C LYS B 156 -10.40 27.64 7.20
N LEU B 157 -9.82 28.71 6.65
CA LEU B 157 -8.39 28.96 6.74
C LEU B 157 -8.02 29.85 7.91
N HIS B 158 -7.12 29.35 8.76
CA HIS B 158 -6.50 30.11 9.84
C HIS B 158 -5.11 30.42 9.37
N LYS B 159 -4.89 31.67 8.96
CA LYS B 159 -3.66 32.09 8.32
C LYS B 159 -2.85 32.90 9.32
N PHE B 160 -1.71 32.36 9.72
CA PHE B 160 -0.78 32.97 10.63
C PHE B 160 0.47 33.46 9.88
N THR B 161 1.29 34.27 10.55
CA THR B 161 2.49 34.83 10.01
C THR B 161 3.77 34.41 10.70
N ASP B 162 3.64 33.72 11.83
CA ASP B 162 4.74 33.48 12.73
C ASP B 162 4.82 32.13 13.35
N CYS B 163 4.17 31.13 12.75
CA CYS B 163 4.17 29.79 13.30
C CYS B 163 5.06 28.80 12.57
N GLY B 164 5.73 29.24 11.51
CA GLY B 164 6.59 28.36 10.74
C GLY B 164 5.83 27.15 10.24
N HIS B 165 6.42 25.97 10.46
CA HIS B 165 5.83 24.69 10.08
C HIS B 165 5.05 24.05 11.25
N PHE B 166 4.67 24.86 12.24
CA PHE B 166 3.93 24.40 13.43
C PHE B 166 4.64 23.27 14.17
N GLN B 167 5.83 23.59 14.67
CA GLN B 167 6.68 22.64 15.38
C GLN B 167 6.83 22.93 16.87
N ASN B 168 5.98 23.81 17.43
CA ASN B 168 6.03 24.09 18.86
C ASN B 168 5.41 22.95 19.67
N THR B 169 5.49 23.04 21.00
CA THR B 169 5.08 21.97 21.89
C THR B 169 3.62 21.99 22.31
N GLU B 170 2.95 23.13 22.14
CA GLU B 170 1.56 23.27 22.47
C GLU B 170 0.89 23.86 21.24
N PHE B 171 -0.44 23.76 21.20
CA PHE B 171 -1.24 24.28 20.08
C PHE B 171 -2.69 24.51 20.49
N HIS B 172 -2.93 25.54 21.31
CA HIS B 172 -4.28 25.80 21.82
C HIS B 172 -5.30 26.15 20.75
N GLU B 173 -4.87 26.86 19.69
CA GLU B 173 -5.77 27.30 18.65
C GLU B 173 -6.40 26.07 17.95
N LEU B 174 -5.62 24.99 17.89
CA LEU B 174 -6.10 23.74 17.28
C LEU B 174 -7.15 23.09 18.18
N ILE B 175 -6.94 23.14 19.51
CA ILE B 175 -7.97 22.66 20.44
C ILE B 175 -9.27 23.40 20.24
N THR B 176 -9.20 24.72 20.15
CA THR B 176 -10.38 25.54 19.92
C THR B 176 -11.12 25.13 18.66
N VAL B 177 -10.37 24.92 17.57
CA VAL B 177 -10.98 24.44 16.32
C VAL B 177 -11.72 23.12 16.51
N VAL B 178 -11.06 22.14 17.16
CA VAL B 178 -11.69 20.84 17.35
C VAL B 178 -12.94 20.95 18.22
N LYS B 179 -12.86 21.74 19.29
CA LYS B 179 -14.01 21.91 20.15
C LYS B 179 -15.16 22.57 19.42
N SER B 180 -14.84 23.46 18.49
CA SER B 180 -15.86 24.09 17.65
C SER B 180 -16.54 23.09 16.72
N LEU B 181 -15.76 22.16 16.18
CA LEU B 181 -16.30 21.10 15.32
C LEU B 181 -17.21 20.15 16.09
N LEU B 182 -16.85 19.89 17.35
CA LEU B 182 -17.60 19.06 18.29
C LEU B 182 -18.84 19.74 18.84
N LYS B 183 -18.85 21.07 18.88
CA LYS B 183 -19.92 21.85 19.53
C LYS B 183 -20.02 21.55 21.03
N VAL B 184 -18.87 21.45 21.70
CA VAL B 184 -18.80 21.14 23.15
C VAL B 184 -19.59 22.20 23.93
N PRO B 185 -20.21 21.86 25.08
CA PRO B 185 -21.02 22.83 25.84
C PRO B 185 -20.17 23.95 26.43
N PHE C . 5.99 -7.26 -16.09
CA PHE C . 4.93 -7.05 -17.12
C PHE C . 3.61 -7.55 -16.58
O PHE C . 3.49 -7.64 -15.35
CB PHE C . 5.35 -7.78 -18.41
CG PHE C . 6.69 -7.39 -18.92
CD1 PHE C . 6.85 -6.17 -19.56
CD2 PHE C . 7.79 -8.20 -18.74
CE1 PHE C . 8.09 -5.79 -20.04
CE2 PHE C . 9.03 -7.82 -19.22
CZ PHE C . 9.18 -6.61 -19.86
OXT PHE C . 2.69 -7.87 -17.39
N PHE D . 6.47 16.65 4.68
CA PHE D . 7.45 17.08 5.73
C PHE D . 6.94 16.77 7.12
O PHE D . 6.04 15.93 7.25
CB PHE D . 7.85 18.56 5.55
CG PHE D . 8.38 18.87 4.19
CD1 PHE D . 9.68 18.54 3.86
CD2 PHE D . 7.55 19.41 3.20
CE1 PHE D . 10.18 18.80 2.59
CE2 PHE D . 8.04 19.66 1.94
CZ PHE D . 9.36 19.36 1.63
OXT PHE D . 7.44 17.30 8.12
#